data_7IA1
#
_entry.id   7IA1
#
_cell.length_a   42.753
_cell.length_b   42.753
_cell.length_c   217.159
_cell.angle_alpha   90.000
_cell.angle_beta   90.000
_cell.angle_gamma   90.000
#
_symmetry.space_group_name_H-M   'P 43 2 2'
#
loop_
_entity.id
_entity.type
_entity.pdbx_description
1 polymer 'Serine protease subunit NS2B'
2 polymer 'Serine protease NS3'
3 non-polymer 'DIMETHYL SULFOXIDE'
4 non-polymer N-(2,3-dihydro-1H-isoindol-5-yl)-1H-pyrazolo[3,4-c]pyridine-4-carboxamide
5 water water
#
loop_
_entity_poly.entity_id
_entity_poly.type
_entity_poly.pdbx_seq_one_letter_code
_entity_poly.pdbx_strand_id
1 'polypeptide(L)' SMGKSVDMYIERAGDITWEKDAEVTGNSPRLDVALDESGDFSLVEE A
2 'polypeptide(L)'
;MKEVKKGETTDGVYRVMTRRLLGSTQVGVGVMQEGVFHTMWHVTKGAALRSGEGRLDPYWGDVKQDLVSYCGPWKLDAAW
DGLSEVQLLAVPPGERAKNIQTLPGIFKTKDGDIGAVALDYPAGTSGSPILDKCGRVIGLYGNGVVIKNGSYVSAITQGK
REEETPVE
;
B
#
loop_
_chem_comp.id
_chem_comp.type
_chem_comp.name
_chem_comp.formula
A1B8K non-polymer N-(2,3-dihydro-1H-isoindol-5-yl)-1H-pyrazolo[3,4-c]pyridine-4-carboxamide 'C15 H13 N5 O'
DMS non-polymer 'DIMETHYL SULFOXIDE' 'C2 H6 O S'
#
# COMPACT_ATOMS: atom_id res chain seq x y z
N ASP A 7 8.02 20.14 -1.21
CA ASP A 7 8.63 18.96 -1.81
C ASP A 7 8.65 17.76 -0.86
N MET A 8 8.17 16.60 -1.35
CA MET A 8 8.12 15.35 -0.59
C MET A 8 9.46 14.65 -0.55
N TYR A 9 9.67 13.79 0.48
CA TYR A 9 10.90 13.02 0.67
C TYR A 9 10.65 11.68 1.32
N ILE A 10 11.57 10.71 1.10
CA ILE A 10 11.43 9.39 1.70
C ILE A 10 12.48 9.09 2.80
N GLU A 11 12.11 8.24 3.79
CA GLU A 11 12.96 7.83 4.90
C GLU A 11 12.77 6.33 5.14
N ARG A 12 13.87 5.60 5.36
CA ARG A 12 13.76 4.16 5.58
C ARG A 12 12.97 3.84 6.83
N ALA A 13 12.10 2.84 6.77
CA ALA A 13 11.29 2.42 7.91
C ALA A 13 11.54 0.97 8.35
N GLY A 14 12.27 0.18 7.56
CA GLY A 14 12.56 -1.20 7.93
C GLY A 14 12.66 -2.19 6.78
N ASP A 15 12.91 -3.46 7.13
CA ASP A 15 13.00 -4.56 6.17
C ASP A 15 11.63 -5.15 5.86
N ILE A 16 11.50 -5.82 4.72
CA ILE A 16 10.25 -6.46 4.36
C ILE A 16 10.38 -7.97 4.55
N THR A 17 10.04 -8.41 5.78
CA THR A 17 10.06 -9.81 6.20
C THR A 17 8.77 -10.17 6.93
N TRP A 18 8.39 -11.44 6.86
CA TRP A 18 7.22 -11.93 7.59
C TRP A 18 7.63 -12.15 9.05
N GLU A 19 6.78 -11.76 10.01
CA GLU A 19 7.07 -11.97 11.42
C GLU A 19 6.25 -13.13 11.97
N LYS A 20 6.92 -14.22 12.42
CA LYS A 20 6.22 -15.34 13.03
C LYS A 20 5.70 -14.88 14.39
N ASP A 21 4.50 -15.30 14.77
CA ASP A 21 3.90 -14.94 16.07
C ASP A 21 3.57 -13.45 16.17
N ALA A 22 3.05 -12.89 15.08
CA ALA A 22 2.62 -11.49 15.04
C ALA A 22 1.13 -11.42 15.49
N GLU A 23 0.66 -10.21 15.82
CA GLU A 23 -0.72 -9.97 16.26
C GLU A 23 -1.74 -10.32 15.15
N VAL A 24 -2.50 -11.43 15.30
CA VAL A 24 -3.53 -11.88 14.35
C VAL A 24 -4.87 -11.22 14.65
N THR A 25 -5.34 -10.32 13.78
CA THR A 25 -6.61 -9.62 14.00
C THR A 25 -7.29 -9.25 12.67
N GLY A 26 -8.57 -8.89 12.71
CA GLY A 26 -9.29 -8.49 11.52
C GLY A 26 -10.17 -9.56 10.94
N ASN A 27 -11.28 -9.15 10.34
CA ASN A 27 -12.21 -10.10 9.73
C ASN A 27 -11.97 -10.29 8.21
N SER A 28 -12.72 -11.21 7.56
CA SER A 28 -12.60 -11.50 6.12
C SER A 28 -13.97 -11.31 5.45
N PRO A 29 -14.40 -10.06 5.21
CA PRO A 29 -15.73 -9.84 4.62
C PRO A 29 -15.80 -9.90 3.10
N ARG A 30 -16.96 -10.30 2.56
CA ARG A 30 -17.16 -10.32 1.11
C ARG A 30 -18.02 -9.11 0.74
N LEU A 31 -17.38 -8.06 0.22
CA LEU A 31 -18.05 -6.81 -0.12
C LEU A 31 -18.28 -6.68 -1.62
N ASP A 32 -19.46 -6.18 -2.03
CA ASP A 32 -19.76 -5.94 -3.43
C ASP A 32 -19.40 -4.51 -3.76
N VAL A 33 -18.31 -4.30 -4.50
CA VAL A 33 -17.84 -2.94 -4.78
C VAL A 33 -17.84 -2.60 -6.29
N ALA A 34 -17.73 -1.29 -6.58
CA ALA A 34 -17.62 -0.71 -7.92
C ALA A 34 -16.41 0.21 -7.93
N LEU A 35 -15.66 0.21 -9.03
CA LEU A 35 -14.49 1.07 -9.15
C LEU A 35 -14.70 2.08 -10.27
N ASP A 36 -14.60 3.37 -9.94
CA ASP A 36 -14.77 4.40 -10.95
C ASP A 36 -13.43 4.81 -11.61
N GLU A 37 -13.52 5.58 -12.70
CA GLU A 37 -12.39 6.09 -13.47
C GLU A 37 -11.40 6.89 -12.60
N SER A 38 -11.80 7.39 -11.43
CA SER A 38 -10.89 8.11 -10.53
C SER A 38 -10.16 7.19 -9.51
N GLY A 39 -10.33 5.88 -9.66
CA GLY A 39 -9.72 4.89 -8.78
C GLY A 39 -10.36 4.83 -7.41
N ASP A 40 -11.61 5.27 -7.28
CA ASP A 40 -12.36 5.29 -6.03
C ASP A 40 -13.36 4.14 -5.93
N PHE A 41 -13.34 3.41 -4.82
CA PHE A 41 -14.28 2.30 -4.61
C PHE A 41 -15.58 2.77 -3.96
N SER A 42 -16.67 2.08 -4.25
CA SER A 42 -17.96 2.42 -3.65
C SER A 42 -18.75 1.18 -3.32
N LEU A 43 -19.57 1.22 -2.25
CA LEU A 43 -20.34 0.05 -1.87
C LEU A 43 -21.62 -0.12 -2.64
N VAL A 44 -21.67 -1.17 -3.45
CA VAL A 44 -22.84 -1.53 -4.25
C VAL A 44 -23.79 -2.33 -3.35
N GLU A 45 -25.10 -2.12 -3.51
CA GLU A 45 -26.10 -2.85 -2.73
C GLU A 45 -27.24 -3.34 -3.63
N GLY B 7 19.62 8.80 -3.84
CA GLY B 7 20.38 8.65 -2.60
C GLY B 7 20.34 7.23 -2.05
N GLU B 8 19.43 6.96 -1.09
CA GLU B 8 19.32 5.62 -0.53
C GLU B 8 18.40 4.75 -1.37
N THR B 9 18.99 3.79 -2.10
N THR B 9 19.00 3.79 -2.08
CA THR B 9 18.19 2.87 -2.92
CA THR B 9 18.28 2.85 -2.94
C THR B 9 18.08 1.46 -2.32
C THR B 9 18.15 1.45 -2.34
N THR B 10 18.43 1.28 -1.03
CA THR B 10 18.37 -0.01 -0.35
C THR B 10 16.94 -0.54 -0.32
N ASP B 11 16.74 -1.83 -0.60
CA ASP B 11 15.43 -2.48 -0.55
C ASP B 11 14.84 -2.36 0.85
N GLY B 12 13.53 -2.19 0.93
CA GLY B 12 12.83 -2.08 2.21
C GLY B 12 11.59 -1.22 2.14
N VAL B 13 10.95 -1.00 3.28
CA VAL B 13 9.75 -0.17 3.36
C VAL B 13 10.18 1.25 3.80
N TYR B 14 9.55 2.29 3.22
CA TYR B 14 9.91 3.69 3.48
C TYR B 14 8.70 4.56 3.78
N ARG B 15 8.88 5.61 4.57
CA ARG B 15 7.83 6.58 4.84
C ARG B 15 7.94 7.69 3.80
N VAL B 16 6.81 8.23 3.37
CA VAL B 16 6.69 9.34 2.42
C VAL B 16 6.26 10.54 3.27
N MET B 17 7.10 11.55 3.36
CA MET B 17 6.90 12.70 4.23
C MET B 17 6.81 14.02 3.46
N THR B 18 6.33 15.09 4.11
CA THR B 18 6.31 16.44 3.52
C THR B 18 6.53 17.55 4.58
N ARG B 19 7.18 18.64 4.19
CA ARG B 19 7.38 19.78 5.07
C ARG B 19 6.52 21.01 4.66
N ARG B 20 5.65 20.85 3.65
CA ARG B 20 4.73 21.87 3.12
C ARG B 20 3.59 22.25 4.11
N LEU B 21 3.43 21.47 5.19
CA LEU B 21 2.42 21.74 6.19
C LEU B 21 3.12 22.11 7.54
N LEU B 22 2.42 21.98 8.67
CA LEU B 22 3.02 22.25 9.97
C LEU B 22 3.93 21.06 10.30
N GLY B 23 5.16 21.33 10.77
CA GLY B 23 6.14 20.32 11.09
C GLY B 23 6.43 19.36 9.93
N SER B 24 6.69 18.09 10.25
CA SER B 24 6.93 17.06 9.24
C SER B 24 5.71 16.13 9.22
N THR B 25 4.99 16.05 8.09
CA THR B 25 3.79 15.22 8.03
C THR B 25 3.91 13.99 7.10
N GLN B 26 3.67 12.78 7.64
CA GLN B 26 3.71 11.57 6.82
C GLN B 26 2.44 11.48 5.97
N VAL B 27 2.58 11.53 4.64
CA VAL B 27 1.45 11.43 3.73
C VAL B 27 1.20 9.98 3.22
N GLY B 28 2.19 9.10 3.41
CA GLY B 28 2.08 7.74 2.95
C GLY B 28 3.35 6.93 3.18
N VAL B 29 3.40 5.76 2.55
CA VAL B 29 4.44 4.73 2.65
C VAL B 29 4.73 4.18 1.23
N GLY B 30 5.88 3.53 1.07
CA GLY B 30 6.26 2.93 -0.19
C GLY B 30 7.25 1.79 -0.07
N VAL B 31 7.42 1.01 -1.12
CA VAL B 31 8.35 -0.12 -1.14
C VAL B 31 9.49 0.13 -2.12
N MET B 32 10.74 -0.04 -1.64
CA MET B 32 11.88 0.06 -2.53
C MET B 32 12.29 -1.35 -2.89
N GLN B 33 12.23 -1.73 -4.17
CA GLN B 33 12.60 -3.06 -4.60
C GLN B 33 13.19 -2.98 -5.98
N GLU B 34 14.39 -3.52 -6.17
CA GLU B 34 15.10 -3.49 -7.46
C GLU B 34 15.35 -2.04 -8.00
N GLY B 35 15.63 -1.10 -7.11
CA GLY B 35 15.89 0.28 -7.47
C GLY B 35 14.64 1.05 -7.90
N VAL B 36 13.45 0.51 -7.59
CA VAL B 36 12.18 1.11 -7.96
C VAL B 36 11.36 1.38 -6.70
N PHE B 37 10.84 2.60 -6.56
CA PHE B 37 10.02 2.95 -5.43
C PHE B 37 8.58 2.82 -5.87
N HIS B 38 7.83 1.99 -5.16
CA HIS B 38 6.44 1.73 -5.49
C HIS B 38 5.57 2.37 -4.43
N THR B 39 4.54 3.13 -4.84
CA THR B 39 3.61 3.71 -3.86
C THR B 39 2.18 3.87 -4.48
N MET B 40 1.23 4.38 -3.70
CA MET B 40 -0.10 4.64 -4.18
C MET B 40 -0.13 6.03 -4.80
N TRP B 41 -0.83 6.16 -5.93
CA TRP B 41 -0.91 7.43 -6.65
CA TRP B 41 -0.93 7.42 -6.67
C TRP B 41 -1.46 8.55 -5.79
N HIS B 42 -2.46 8.27 -4.94
CA HIS B 42 -3.03 9.33 -4.11
C HIS B 42 -2.07 9.87 -3.02
N VAL B 43 -0.92 9.22 -2.82
CA VAL B 43 0.05 9.66 -1.83
C VAL B 43 0.88 10.84 -2.39
N THR B 44 1.44 10.67 -3.58
CA THR B 44 2.32 11.65 -4.21
C THR B 44 1.64 12.52 -5.28
N LYS B 45 0.58 12.01 -5.93
CA LYS B 45 -0.12 12.67 -7.04
C LYS B 45 0.76 12.79 -8.31
N GLY B 46 1.76 11.91 -8.43
CA GLY B 46 2.70 11.91 -9.53
C GLY B 46 3.89 12.83 -9.35
N ALA B 47 3.95 13.57 -8.23
CA ALA B 47 5.05 14.50 -7.98
C ALA B 47 6.40 13.79 -7.73
N ALA B 48 7.51 14.49 -7.95
CA ALA B 48 8.83 13.94 -7.71
C ALA B 48 9.09 13.83 -6.22
N LEU B 49 9.92 12.87 -5.81
CA LEU B 49 10.30 12.66 -4.42
C LEU B 49 11.80 12.94 -4.21
N ARG B 50 12.21 13.12 -2.96
CA ARG B 50 13.60 13.39 -2.64
C ARG B 50 14.13 12.29 -1.72
N SER B 51 15.36 11.82 -1.96
CA SER B 51 15.97 10.80 -1.10
C SER B 51 17.34 11.30 -0.71
N GLY B 52 17.40 12.09 0.35
CA GLY B 52 18.64 12.72 0.80
C GLY B 52 18.96 13.82 -0.19
N GLU B 53 20.08 13.68 -0.89
CA GLU B 53 20.43 14.64 -1.94
C GLU B 53 19.89 14.22 -3.33
N GLY B 54 19.59 12.91 -3.50
CA GLY B 54 19.10 12.33 -4.74
C GLY B 54 17.65 12.65 -5.06
N ARG B 55 17.26 12.49 -6.32
CA ARG B 55 15.89 12.76 -6.75
C ARG B 55 15.22 11.55 -7.41
N LEU B 56 13.97 11.25 -7.05
CA LEU B 56 13.23 10.15 -7.66
C LEU B 56 12.19 10.73 -8.61
N ASP B 57 12.34 10.46 -9.90
CA ASP B 57 11.39 10.95 -10.90
C ASP B 57 10.43 9.83 -11.28
N PRO B 58 9.12 10.11 -11.40
CA PRO B 58 8.18 9.05 -11.75
C PRO B 58 8.43 8.36 -13.09
N TYR B 59 8.11 7.08 -13.18
CA TYR B 59 8.33 6.32 -14.41
C TYR B 59 7.02 5.91 -15.02
N TRP B 60 6.11 5.37 -14.21
CA TRP B 60 4.81 4.88 -14.61
C TRP B 60 3.77 5.22 -13.53
N GLY B 61 2.52 5.41 -13.92
CA GLY B 61 1.44 5.69 -12.98
C GLY B 61 0.07 5.55 -13.61
N ASP B 62 -0.96 5.30 -12.80
CA ASP B 62 -2.34 5.13 -13.28
C ASP B 62 -3.30 5.48 -12.14
N VAL B 63 -4.20 6.45 -12.38
CA VAL B 63 -5.14 6.92 -11.36
C VAL B 63 -6.20 5.87 -11.02
N LYS B 64 -6.66 5.06 -12.00
CA LYS B 64 -7.66 4.02 -11.72
C LYS B 64 -7.07 2.89 -10.87
N GLN B 65 -5.89 2.37 -11.23
CA GLN B 65 -5.22 1.34 -10.42
C GLN B 65 -4.73 1.92 -9.07
N ASP B 66 -4.51 3.26 -9.03
CA ASP B 66 -4.03 4.05 -7.90
C ASP B 66 -2.63 3.64 -7.53
N LEU B 67 -1.78 3.41 -8.54
CA LEU B 67 -0.39 3.02 -8.30
C LEU B 67 0.56 3.91 -9.07
N VAL B 68 1.81 4.04 -8.58
CA VAL B 68 2.84 4.85 -9.22
C VAL B 68 4.25 4.29 -8.89
N SER B 69 5.14 4.25 -9.87
CA SER B 69 6.51 3.74 -9.69
C SER B 69 7.54 4.84 -10.01
N TYR B 70 8.68 4.79 -9.33
CA TYR B 70 9.74 5.79 -9.47
C TYR B 70 11.03 5.10 -9.88
N CYS B 71 11.80 5.73 -10.77
CA CYS B 71 13.08 5.27 -11.28
C CYS B 71 12.99 4.14 -12.30
N GLY B 72 11.91 3.38 -12.28
CA GLY B 72 11.74 2.30 -13.22
C GLY B 72 10.35 1.70 -13.22
N PRO B 73 10.15 0.68 -14.06
CA PRO B 73 8.82 0.03 -14.12
C PRO B 73 8.48 -0.76 -12.85
N TRP B 74 7.17 -1.01 -12.63
CA TRP B 74 6.65 -1.77 -11.50
C TRP B 74 7.33 -3.15 -11.41
N LYS B 75 7.94 -3.47 -10.25
CA LYS B 75 8.66 -4.73 -10.07
C LYS B 75 7.88 -5.79 -9.29
N LEU B 76 6.91 -5.37 -8.47
CA LEU B 76 6.17 -6.30 -7.62
C LEU B 76 5.18 -7.13 -8.44
N ASP B 77 5.24 -8.46 -8.32
CA ASP B 77 4.38 -9.35 -9.12
C ASP B 77 3.77 -10.52 -8.34
N ALA B 78 3.97 -10.60 -7.02
CA ALA B 78 3.37 -11.68 -6.23
C ALA B 78 1.85 -11.47 -6.07
N ALA B 79 1.11 -12.55 -5.81
CA ALA B 79 -0.33 -12.45 -5.67
C ALA B 79 -0.86 -13.30 -4.53
N TRP B 80 -1.90 -12.83 -3.83
CA TRP B 80 -2.55 -13.58 -2.75
C TRP B 80 -3.14 -14.86 -3.34
N ASP B 81 -2.94 -15.99 -2.67
CA ASP B 81 -3.44 -17.26 -3.20
C ASP B 81 -4.93 -17.53 -2.96
N GLY B 82 -5.63 -16.61 -2.32
CA GLY B 82 -7.06 -16.74 -2.06
C GLY B 82 -7.42 -17.64 -0.89
N LEU B 83 -6.39 -18.16 -0.17
CA LEU B 83 -6.62 -19.06 0.95
C LEU B 83 -5.83 -18.71 2.18
N SER B 84 -4.59 -18.22 2.02
CA SER B 84 -3.70 -17.98 3.15
C SER B 84 -3.88 -16.64 3.84
N GLU B 85 -3.45 -16.58 5.11
CA GLU B 85 -3.43 -15.35 5.87
C GLU B 85 -2.22 -14.54 5.38
N VAL B 86 -2.36 -13.23 5.34
CA VAL B 86 -1.31 -12.32 4.90
C VAL B 86 -0.85 -11.47 6.10
N GLN B 87 0.18 -10.64 5.91
CA GLN B 87 0.66 -9.75 6.95
C GLN B 87 0.80 -8.35 6.39
N LEU B 88 0.03 -7.41 6.94
CA LEU B 88 0.13 -6.02 6.54
C LEU B 88 1.32 -5.43 7.30
N LEU B 89 2.37 -4.97 6.59
CA LEU B 89 3.49 -4.33 7.26
C LEU B 89 3.03 -2.88 7.45
N ALA B 90 2.24 -2.65 8.49
CA ALA B 90 1.70 -1.32 8.74
C ALA B 90 2.74 -0.39 9.28
N VAL B 91 3.05 0.69 8.54
CA VAL B 91 3.98 1.73 8.97
C VAL B 91 3.12 2.97 9.26
N PRO B 92 2.62 3.11 10.49
CA PRO B 92 1.70 4.24 10.78
C PRO B 92 2.42 5.55 11.07
N PRO B 93 1.74 6.69 10.87
CA PRO B 93 2.40 7.99 11.15
C PRO B 93 2.88 8.11 12.59
N GLY B 94 4.17 8.43 12.76
CA GLY B 94 4.79 8.61 14.07
C GLY B 94 5.06 7.33 14.85
N GLU B 95 4.46 6.22 14.43
CA GLU B 95 4.60 4.94 15.09
C GLU B 95 5.57 4.04 14.32
N ARG B 96 6.11 3.04 15.00
CA ARG B 96 7.07 2.09 14.41
C ARG B 96 6.39 1.11 13.45
N ALA B 97 7.16 0.56 12.46
CA ALA B 97 6.65 -0.43 11.51
C ALA B 97 6.21 -1.67 12.29
N LYS B 98 5.09 -2.28 11.90
CA LYS B 98 4.53 -3.39 12.66
C LYS B 98 3.72 -4.35 11.78
N ASN B 99 4.10 -5.64 11.78
CA ASN B 99 3.43 -6.67 10.97
C ASN B 99 2.13 -7.12 11.63
N ILE B 100 1.00 -6.92 10.97
CA ILE B 100 -0.29 -7.36 11.50
C ILE B 100 -0.82 -8.52 10.65
N GLN B 101 -0.99 -9.71 11.23
CA GLN B 101 -1.49 -10.87 10.48
C GLN B 101 -3.02 -10.87 10.40
N THR B 102 -3.57 -11.21 9.23
CA THR B 102 -5.02 -11.24 9.03
C THR B 102 -5.41 -12.17 7.89
N LEU B 103 -6.69 -12.60 7.81
CA LEU B 103 -7.15 -13.34 6.64
C LEU B 103 -7.98 -12.37 5.81
N PRO B 104 -7.61 -12.19 4.55
CA PRO B 104 -8.33 -11.22 3.73
C PRO B 104 -9.69 -11.67 3.23
N GLY B 105 -10.58 -10.69 3.12
CA GLY B 105 -11.89 -10.85 2.54
C GLY B 105 -11.82 -10.73 1.03
N ILE B 106 -12.94 -10.41 0.40
CA ILE B 106 -13.03 -10.34 -1.05
C ILE B 106 -13.84 -9.13 -1.49
N PHE B 107 -13.34 -8.41 -2.49
CA PHE B 107 -14.05 -7.32 -3.14
C PHE B 107 -14.56 -7.96 -4.42
N LYS B 108 -15.89 -8.15 -4.56
CA LYS B 108 -16.43 -8.74 -5.79
C LYS B 108 -16.81 -7.59 -6.70
N THR B 109 -16.21 -7.54 -7.91
CA THR B 109 -16.47 -6.48 -8.90
C THR B 109 -16.98 -7.04 -10.24
N LYS B 110 -17.45 -6.18 -11.15
CA LYS B 110 -17.88 -6.60 -12.49
C LYS B 110 -16.71 -7.13 -13.36
N ASP B 111 -15.46 -6.92 -12.91
CA ASP B 111 -14.27 -7.38 -13.63
C ASP B 111 -13.49 -8.47 -12.88
N GLY B 112 -14.08 -9.05 -11.84
CA GLY B 112 -13.42 -10.11 -11.08
C GLY B 112 -13.21 -9.76 -9.63
N ASP B 113 -12.83 -10.76 -8.83
CA ASP B 113 -12.60 -10.61 -7.40
C ASP B 113 -11.18 -10.18 -7.02
N ILE B 114 -11.08 -9.32 -6.00
CA ILE B 114 -9.81 -8.79 -5.50
C ILE B 114 -9.73 -9.07 -4.00
N GLY B 115 -8.52 -9.31 -3.49
CA GLY B 115 -8.33 -9.51 -2.06
C GLY B 115 -8.61 -8.22 -1.30
N ALA B 116 -8.93 -8.34 -0.01
CA ALA B 116 -9.19 -7.14 0.79
C ALA B 116 -8.83 -7.32 2.25
N VAL B 117 -7.93 -6.49 2.77
CA VAL B 117 -7.54 -6.56 4.17
CA VAL B 117 -7.53 -6.56 4.16
C VAL B 117 -8.44 -5.66 5.01
N ALA B 118 -9.15 -6.25 5.98
CA ALA B 118 -10.06 -5.48 6.83
C ALA B 118 -9.36 -5.01 8.09
N LEU B 119 -8.49 -4.01 7.94
CA LEU B 119 -7.73 -3.42 9.04
C LEU B 119 -7.86 -1.90 8.92
N ASP B 120 -8.22 -1.20 10.01
CA ASP B 120 -8.37 0.25 9.94
C ASP B 120 -7.11 0.98 10.39
N TYR B 121 -6.61 1.87 9.54
CA TYR B 121 -5.40 2.65 9.76
C TYR B 121 -5.57 4.07 9.21
N PRO B 122 -4.80 5.05 9.71
CA PRO B 122 -4.92 6.42 9.18
C PRO B 122 -4.57 6.50 7.71
N ALA B 123 -5.05 7.55 7.02
CA ALA B 123 -4.74 7.73 5.60
C ALA B 123 -3.23 7.81 5.34
N GLY B 124 -2.45 8.25 6.32
CA GLY B 124 -0.99 8.33 6.21
C GLY B 124 -0.29 6.98 6.15
N THR B 125 -1.02 5.88 6.44
CA THR B 125 -0.47 4.52 6.34
C THR B 125 -0.43 4.01 4.88
N SER B 126 -1.18 4.67 3.94
CA SER B 126 -1.29 4.34 2.51
C SER B 126 0.03 4.01 1.80
N GLY B 127 0.09 2.85 1.17
CA GLY B 127 1.28 2.38 0.47
C GLY B 127 2.06 1.34 1.25
N SER B 128 1.53 0.90 2.42
CA SER B 128 2.14 -0.11 3.26
C SER B 128 1.97 -1.48 2.60
N PRO B 129 3.08 -2.21 2.44
CA PRO B 129 2.99 -3.52 1.77
C PRO B 129 2.22 -4.60 2.52
N ILE B 130 1.59 -5.50 1.76
CA ILE B 130 0.88 -6.64 2.27
C ILE B 130 1.71 -7.85 1.83
N LEU B 131 2.08 -8.71 2.79
CA LEU B 131 3.01 -9.79 2.53
C LEU B 131 2.47 -11.19 2.61
N ASP B 132 3.11 -12.12 1.89
CA ASP B 132 2.80 -13.54 1.99
C ASP B 132 3.80 -14.21 2.95
N LYS B 133 3.58 -15.50 3.30
CA LYS B 133 4.47 -16.22 4.21
C LYS B 133 5.94 -16.26 3.73
N CYS B 134 6.19 -16.01 2.43
CA CYS B 134 7.53 -15.93 1.83
C CYS B 134 8.20 -14.58 2.00
N GLY B 135 7.46 -13.56 2.43
CA GLY B 135 7.98 -12.20 2.56
C GLY B 135 7.75 -11.35 1.33
N ARG B 136 7.16 -11.94 0.27
CA ARG B 136 6.89 -11.24 -0.99
C ARG B 136 5.78 -10.23 -0.86
N VAL B 137 5.87 -9.15 -1.65
CA VAL B 137 4.86 -8.12 -1.61
C VAL B 137 3.75 -8.46 -2.59
N ILE B 138 2.59 -8.82 -2.05
CA ILE B 138 1.43 -9.21 -2.84
C ILE B 138 0.48 -8.03 -3.15
N GLY B 139 0.81 -6.81 -2.69
CA GLY B 139 -0.02 -5.65 -2.94
C GLY B 139 0.18 -4.53 -1.94
N LEU B 140 -0.51 -3.39 -2.13
CA LEU B 140 -0.40 -2.25 -1.22
C LEU B 140 -1.75 -1.90 -0.57
N TYR B 141 -1.69 -1.41 0.66
CA TYR B 141 -2.84 -1.01 1.45
C TYR B 141 -3.08 0.49 1.24
N GLY B 142 -4.34 0.91 1.12
CA GLY B 142 -4.64 2.34 0.99
C GLY B 142 -5.80 2.69 0.08
N ASN B 143 -6.29 1.72 -0.70
CA ASN B 143 -7.42 1.97 -1.59
C ASN B 143 -8.54 0.97 -1.37
N GLY B 144 -9.59 1.44 -0.72
CA GLY B 144 -10.72 0.57 -0.42
C GLY B 144 -12.02 1.32 -0.22
N VAL B 145 -12.80 0.86 0.74
CA VAL B 145 -14.12 1.41 0.97
C VAL B 145 -14.44 1.62 2.48
N VAL B 146 -15.47 2.41 2.76
CA VAL B 146 -15.89 2.67 4.13
C VAL B 146 -17.16 1.88 4.41
N ILE B 147 -17.07 0.87 5.28
CA ILE B 147 -18.21 0.02 5.59
C ILE B 147 -19.17 0.67 6.59
N LYS B 148 -20.38 0.11 6.76
CA LYS B 148 -21.45 0.59 7.64
C LYS B 148 -21.02 1.06 9.05
N ASN B 149 -19.93 0.50 9.60
CA ASN B 149 -19.47 0.91 10.93
C ASN B 149 -18.35 1.95 10.91
N GLY B 150 -18.27 2.72 9.82
CA GLY B 150 -17.29 3.76 9.61
C GLY B 150 -15.88 3.27 9.30
N SER B 151 -15.61 1.98 9.59
CA SER B 151 -14.32 1.32 9.40
CA SER B 151 -14.29 1.38 9.40
C SER B 151 -13.86 1.29 7.93
N TYR B 152 -12.56 1.07 7.70
CA TYR B 152 -11.98 0.98 6.36
C TYR B 152 -11.61 -0.47 6.06
N VAL B 153 -11.89 -0.90 4.83
CA VAL B 153 -11.52 -2.22 4.36
C VAL B 153 -10.84 -1.93 3.04
N SER B 154 -9.52 -2.04 3.02
CA SER B 154 -8.74 -1.72 1.84
C SER B 154 -8.54 -2.94 0.94
N ALA B 155 -8.40 -2.72 -0.37
CA ALA B 155 -8.12 -3.80 -1.29
C ALA B 155 -6.60 -4.18 -1.23
N ILE B 156 -6.24 -5.35 -1.78
CA ILE B 156 -4.84 -5.74 -1.91
C ILE B 156 -4.50 -5.31 -3.34
N THR B 157 -3.96 -4.07 -3.49
CA THR B 157 -3.67 -3.46 -4.80
C THR B 157 -2.30 -3.81 -5.34
N GLN B 158 -2.26 -4.66 -6.36
CA GLN B 158 -1.02 -5.05 -7.01
C GLN B 158 -1.00 -4.52 -8.44
N GLY B 159 0.18 -4.12 -8.91
CA GLY B 159 0.34 -3.63 -10.26
C GLY B 159 0.64 -4.76 -11.24
N LYS B 160 1.16 -4.38 -12.41
CA LYS B 160 1.54 -5.38 -13.42
C LYS B 160 3.03 -5.25 -13.76
N ARG B 161 3.75 -6.39 -13.78
CA ARG B 161 5.17 -6.43 -14.13
C ARG B 161 5.28 -6.81 -15.62
N GLU B 162 5.90 -5.96 -16.44
CA GLU B 162 6.02 -6.24 -17.88
C GLU B 162 7.16 -7.23 -18.19
S DMS C . 2.24 17.23 -9.75
O DMS C . 2.72 15.96 -10.39
C1 DMS C . 3.68 18.09 -9.08
C2 DMS C . 1.50 16.82 -8.14
N1 A1B8K D . -7.60 6.44 0.53
N3 A1B8K D . -6.07 4.63 3.96
C4 A1B8K D . -7.74 9.03 -2.12
C5 A1B8K D . -7.87 8.23 -3.25
C6 A1B8K D . -7.89 6.85 -3.14
C7 A1B8K D . -7.81 6.23 -1.89
C8 A1B8K D . -7.99 6.25 -4.52
C10 A1B8K D . -7.63 6.13 2.94
C13 A1B8K D . -8.01 5.28 5.17
C15 A1B8K D . -8.44 6.08 4.10
O1 A1B8K D . -8.64 7.98 1.85
C1 A1B8K D . -7.99 6.94 1.73
C2 A1B8K D . -7.68 7.04 -0.76
C3 A1B8K D . -7.67 8.43 -0.88
N2 A1B8K D . -8.49 7.39 -5.29
C9 A1B8K D . -7.95 8.62 -4.70
C11 A1B8K D . -6.48 5.36 2.92
C12 A1B8K D . -6.83 4.57 5.05
N4 A1B8K D . -8.94 5.40 6.14
N5 A1B8K D . -9.96 6.22 5.75
C14 A1B8K D . -9.66 6.64 4.53
#